data_7HCJ
#
_entry.id   7HCJ
#
_cell.length_a   88.770
_cell.length_b   88.770
_cell.length_c   39.620
_cell.angle_alpha   90.000
_cell.angle_beta   90.000
_cell.angle_gamma   90.000
#
_symmetry.space_group_name_H-M   'P 43'
#
loop_
_entity.id
_entity.type
_entity.pdbx_description
1 polymer 'Non-structural protein 3'
2 non-polymer '(2R)-2-methyl-3-[(2-oxo-1,2,3,4-tetrahydroquinoline-6-carbonyl)amino]propanoic acid'
3 non-polymer '(2S)-2-methyl-3-[(2-oxo-1,2,3,4-tetrahydroquinoline-6-carbonyl)amino]propanoic acid'
4 water water
#
_entity_poly.entity_id   1
_entity_poly.type   'polypeptide(L)'
_entity_poly.pdbx_seq_one_letter_code
;SMVNSFSGYLKLTDNVYIKNADIVEEAKKVKPTVVVNAANVYLKHGGGVAGALNKATNNAMQVESDDYIATNGPLKVGGS
CVLSGHNLAKHCLHVVGPNVNKGEDIQLLKSAYENFNQHEVLLAPLLSAGIFGADPIHSLRVCVDTVRTNVYLAVFDKNL
YDKLVSSFL
;
_entity_poly.pdbx_strand_id   A,B
#
# COMPACT_ATOMS: atom_id res chain seq x y z
N VAL A 3 5.45 14.96 18.28
N VAL A 3 5.43 15.03 18.31
CA VAL A 3 4.38 15.96 18.23
CA VAL A 3 4.39 16.05 18.26
C VAL A 3 4.21 16.49 16.81
C VAL A 3 4.21 16.55 16.83
N ASN A 4 2.96 16.60 16.36
N ASN A 4 2.96 16.63 16.39
CA ASN A 4 2.62 17.17 15.07
CA ASN A 4 2.62 17.17 15.09
C ASN A 4 1.50 18.19 15.26
C ASN A 4 1.49 18.19 15.26
N SER A 5 1.13 18.85 14.17
CA SER A 5 0.21 19.98 14.20
C SER A 5 -1.25 19.60 13.99
N PHE A 6 -1.56 18.31 13.89
N PHE A 6 -1.60 18.32 14.01
CA PHE A 6 -2.95 17.89 13.73
CA PHE A 6 -3.01 17.95 13.96
C PHE A 6 -3.72 18.18 15.01
C PHE A 6 -3.68 18.18 15.31
N SER A 7 -4.87 18.84 14.88
N SER A 7 -4.89 18.71 15.27
CA SER A 7 -5.59 19.38 16.02
CA SER A 7 -5.63 19.06 16.48
C SER A 7 -7.03 18.90 16.03
C SER A 7 -7.11 18.75 16.32
N GLY A 8 -7.55 18.61 17.22
N GLY A 8 -7.74 18.33 17.41
CA GLY A 8 -8.96 18.27 17.35
CA GLY A 8 -9.17 18.10 17.46
C GLY A 8 -9.34 16.86 16.98
C GLY A 8 -9.62 16.71 17.09
N TYR A 9 -8.37 15.95 16.85
N TYR A 9 -8.71 15.86 16.61
CA TYR A 9 -8.67 14.56 16.48
CA TYR A 9 -9.10 14.53 16.14
C TYR A 9 -9.03 13.73 17.70
C TYR A 9 -9.41 13.62 17.31
N LEU A 10 -9.92 12.77 17.49
N LEU A 10 -10.62 13.07 17.33
CA LEU A 10 -10.19 11.73 18.47
CA LEU A 10 -10.96 12.01 18.28
C LEU A 10 -9.24 10.56 18.20
C LEU A 10 -9.98 10.85 18.12
N LYS A 11 -8.60 10.07 19.26
N LYS A 11 -9.66 10.21 19.23
CA LYS A 11 -7.66 8.96 19.13
CA LYS A 11 -8.70 9.11 19.24
C LYS A 11 -8.44 7.65 19.18
C LYS A 11 -9.45 7.79 19.19
N LEU A 12 -8.35 6.85 18.11
N LEU A 12 -9.21 7.02 18.13
CA LEU A 12 -9.03 5.56 18.10
CA LEU A 12 -9.78 5.68 17.99
C LEU A 12 -8.13 4.43 18.59
C LEU A 12 -8.82 4.59 18.47
N THR A 13 -6.87 4.45 18.19
N THR A 13 -7.58 4.58 17.97
CA THR A 13 -5.90 3.42 18.54
CA THR A 13 -6.57 3.64 18.44
C THR A 13 -4.54 4.07 18.75
C THR A 13 -5.27 4.38 18.73
N ASP A 14 -3.53 3.24 18.94
N ASP A 14 -4.18 3.62 18.84
CA ASP A 14 -2.17 3.73 19.06
CA ASP A 14 -2.90 4.24 19.17
C ASP A 14 -1.78 4.64 17.90
C ASP A 14 -2.37 5.11 18.04
N ASN A 15 -2.25 4.35 16.68
N ASN A 15 -2.70 4.77 16.79
CA ASN A 15 -1.77 5.03 15.50
CA ASN A 15 -2.16 5.49 15.64
C ASN A 15 -2.84 5.65 14.61
C ASN A 15 -3.23 6.06 14.72
N VAL A 16 -4.12 5.47 14.92
N VAL A 16 -4.52 5.85 14.99
CA VAL A 16 -5.21 5.96 14.08
CA VAL A 16 -5.60 6.28 14.13
C VAL A 16 -6.01 7.02 14.86
C VAL A 16 -6.43 7.32 14.87
N TYR A 17 -6.23 8.16 14.19
N TYR A 17 -6.58 8.50 14.26
CA TYR A 17 -6.93 9.31 14.71
CA TYR A 17 -7.38 9.59 14.79
C TYR A 17 -8.02 9.73 13.72
C TYR A 17 -8.42 9.99 13.75
N ILE A 18 -9.08 10.37 14.19
N ILE A 18 -9.57 10.47 14.22
CA ILE A 18 -10.22 10.69 13.34
CA ILE A 18 -10.70 10.78 13.35
C ILE A 18 -10.83 12.03 13.74
C ILE A 18 -11.28 12.14 13.72
N LYS A 19 -11.37 12.74 12.73
N LYS A 19 -11.60 12.95 12.71
CA LYS A 19 -11.96 14.06 12.93
CA LYS A 19 -12.14 14.28 12.90
C LYS A 19 -13.05 14.28 11.90
C LYS A 19 -13.15 14.58 11.81
N ASN A 20 -14.09 15.01 12.29
N ASN A 20 -14.28 15.18 12.21
CA ASN A 20 -15.08 15.50 11.34
CA ASN A 20 -15.32 15.62 11.28
C ASN A 20 -14.50 16.74 10.69
C ASN A 20 -14.85 16.93 10.64
N ALA A 21 -14.11 16.61 9.43
N ALA A 21 -14.05 16.80 9.59
CA ALA A 21 -13.46 17.73 8.76
CA ALA A 21 -13.40 17.96 8.98
C ALA A 21 -13.50 17.54 7.26
C ALA A 21 -13.30 17.79 7.48
N ASP A 22 -13.40 18.65 6.55
N ASP A 22 -13.28 18.93 6.78
CA ASP A 22 -13.22 18.67 5.10
CA ASP A 22 -13.06 18.99 5.35
C ASP A 22 -11.72 18.55 4.82
C ASP A 22 -11.59 18.69 5.07
N ILE A 23 -11.33 17.45 4.18
N ILE A 23 -11.31 17.55 4.42
CA ILE A 23 -9.91 17.16 3.96
CA ILE A 23 -9.92 17.15 4.19
C ILE A 23 -9.22 18.27 3.21
C ILE A 23 -9.20 18.18 3.34
N VAL A 24 -9.94 18.97 2.33
N VAL A 24 -9.92 18.89 2.47
CA VAL A 24 -9.36 20.11 1.62
CA VAL A 24 -9.31 19.96 1.69
C VAL A 24 -8.96 21.20 2.60
C VAL A 24 -8.86 21.09 2.61
N GLU A 25 -9.88 21.58 3.49
N GLU A 25 -9.74 21.49 3.54
CA GLU A 25 -9.59 22.61 4.47
CA GLU A 25 -9.39 22.57 4.46
C GLU A 25 -8.56 22.14 5.48
C GLU A 25 -8.29 22.14 5.42
N GLU A 26 -8.60 20.86 5.86
N GLU A 26 -8.35 20.89 5.90
CA GLU A 26 -7.57 20.31 6.75
CA GLU A 26 -7.31 20.39 6.79
C GLU A 26 -6.20 20.41 6.12
C GLU A 26 -5.95 20.37 6.11
N ALA A 27 -6.07 20.02 4.85
N ALA A 27 -5.93 19.99 4.83
CA ALA A 27 -4.77 20.04 4.19
CA ALA A 27 -4.67 20.04 4.08
C ALA A 27 -4.24 21.47 4.08
C ALA A 27 -4.18 21.46 3.93
N LYS A 28 -5.10 22.41 3.67
CA LYS A 28 -4.68 23.80 3.55
C LYS A 28 -4.15 24.36 4.87
N LYS A 29 -4.71 23.92 6.00
CA LYS A 29 -4.29 24.42 7.31
C LYS A 29 -3.00 23.76 7.76
N VAL A 30 -2.93 22.43 7.67
CA VAL A 30 -1.81 21.69 8.23
C VAL A 30 -0.62 21.64 7.27
N LYS A 31 -0.86 21.62 5.97
N LYS A 31 -0.87 21.64 5.97
CA LYS A 31 0.17 21.37 4.97
CA LYS A 31 0.15 21.37 4.97
C LYS A 31 0.95 20.10 5.33
C LYS A 31 0.95 20.12 5.33
N PRO A 32 0.28 18.96 5.42
CA PRO A 32 0.97 17.75 5.84
C PRO A 32 1.98 17.29 4.81
N THR A 33 2.90 16.44 5.26
CA THR A 33 3.85 15.82 4.34
C THR A 33 3.12 15.03 3.25
N VAL A 34 2.07 14.32 3.64
CA VAL A 34 1.31 13.47 2.72
C VAL A 34 -0.18 13.68 2.94
N VAL A 35 -0.90 14.04 1.88
CA VAL A 35 -2.35 13.92 1.83
C VAL A 35 -2.69 12.78 0.89
N VAL A 36 -3.64 11.94 1.29
CA VAL A 36 -4.10 10.83 0.48
C VAL A 36 -5.29 11.27 -0.36
N ASN A 37 -5.25 10.95 -1.65
CA ASN A 37 -6.39 11.12 -2.55
C ASN A 37 -7.07 9.78 -2.77
N ALA A 38 -8.41 9.83 -2.79
N ALA A 38 -8.41 9.80 -2.76
CA ALA A 38 -9.27 8.72 -3.18
CA ALA A 38 -9.20 8.61 -3.08
C ALA A 38 -9.33 8.65 -4.71
C ALA A 38 -9.39 8.58 -4.60
N ALA A 39 -8.30 8.07 -5.29
N ALA A 39 -8.37 8.06 -5.28
CA ALA A 39 -8.08 8.06 -6.73
CA ALA A 39 -8.27 8.16 -6.72
C ALA A 39 -8.79 6.89 -7.41
C ALA A 39 -8.82 6.92 -7.41
N ASN A 40 -8.96 7.02 -8.73
CA ASN A 40 -9.26 5.89 -9.59
C ASN A 40 -8.04 5.57 -10.46
N VAL A 41 -8.09 4.43 -11.17
N VAL A 41 -8.13 4.45 -11.18
CA VAL A 41 -6.90 3.96 -11.88
CA VAL A 41 -6.98 3.91 -11.90
C VAL A 41 -6.45 4.91 -12.97
C VAL A 41 -6.50 4.83 -13.01
N TYR A 42 -7.37 5.74 -13.49
N TYR A 42 -7.35 5.73 -13.53
CA TYR A 42 -7.05 6.68 -14.56
CA TYR A 42 -6.96 6.66 -14.57
C TYR A 42 -6.61 8.04 -14.03
C TYR A 42 -6.63 8.04 -14.04
N LEU A 43 -6.60 8.21 -12.71
CA LEU A 43 -6.36 9.51 -12.09
C LEU A 43 -7.22 10.61 -12.68
N LYS A 44 -8.49 10.27 -12.95
N LYS A 44 -8.49 10.29 -12.93
CA LYS A 44 -9.48 11.23 -13.41
CA LYS A 44 -9.46 11.29 -13.37
C LYS A 44 -10.22 11.74 -12.18
C LYS A 44 -10.20 11.81 -12.15
N HIS A 45 -9.90 12.95 -11.76
N HIS A 45 -9.87 13.04 -11.74
CA HIS A 45 -10.33 13.47 -10.46
CA HIS A 45 -10.36 13.61 -10.49
C HIS A 45 -11.62 14.27 -10.60
C HIS A 45 -11.59 14.45 -10.80
N GLY A 46 -12.70 13.54 -10.85
N GLY A 46 -12.75 13.80 -10.82
CA GLY A 46 -13.94 14.17 -11.26
CA GLY A 46 -13.99 14.49 -11.14
C GLY A 46 -14.87 14.59 -10.14
C GLY A 46 -14.89 14.73 -9.96
N GLY A 47 -14.85 13.85 -9.04
N GLY A 47 -15.01 13.73 -9.07
CA GLY A 47 -15.82 14.04 -7.98
CA GLY A 47 -15.94 13.81 -7.97
C GLY A 47 -15.36 13.39 -6.70
C GLY A 47 -15.31 13.31 -6.68
N GLY A 48 -16.23 13.44 -5.69
N GLY A 48 -16.04 13.52 -5.58
CA GLY A 48 -15.83 12.93 -4.40
CA GLY A 48 -15.61 13.07 -4.27
C GLY A 48 -14.63 13.69 -3.88
C GLY A 48 -14.36 13.79 -3.79
N VAL A 49 -13.84 13.00 -3.04
N VAL A 49 -13.53 13.04 -3.05
CA VAL A 49 -12.62 13.60 -2.50
CA VAL A 49 -12.26 13.57 -2.55
C VAL A 49 -11.70 14.06 -3.62
C VAL A 49 -11.42 14.08 -3.71
N ALA A 50 -11.53 13.23 -4.66
N ALA A 50 -11.31 13.29 -4.78
CA ALA A 50 -10.59 13.57 -5.72
CA ALA A 50 -10.43 13.64 -5.88
C ALA A 50 -10.99 14.85 -6.43
C ALA A 50 -10.88 14.93 -6.56
N GLY A 51 -12.27 14.98 -6.78
N GLY A 51 -12.18 15.02 -6.87
CA GLY A 51 -12.71 16.19 -7.44
CA GLY A 51 -12.69 16.24 -7.46
C GLY A 51 -12.49 17.41 -6.58
C GLY A 51 -12.50 17.45 -6.58
N ALA A 52 -12.70 17.27 -5.26
CA ALA A 52 -12.51 18.39 -4.34
C ALA A 52 -11.05 18.77 -4.21
N LEU A 53 -10.17 17.79 -4.00
N LEU A 53 -10.16 17.79 -4.06
CA LEU A 53 -8.74 18.09 -3.91
CA LEU A 53 -8.73 18.09 -4.00
C LEU A 53 -8.25 18.75 -5.19
C LEU A 53 -8.27 18.78 -5.29
N ASN A 54 -8.66 18.20 -6.34
N ASN A 54 -8.63 18.20 -6.44
CA ASN A 54 -8.17 18.75 -7.60
CA ASN A 54 -8.18 18.76 -7.71
C ASN A 54 -8.65 20.18 -7.79
C ASN A 54 -8.69 20.18 -7.91
N LYS A 55 -9.94 20.45 -7.50
CA LYS A 55 -10.47 21.80 -7.61
C LYS A 55 -9.65 22.77 -6.76
N ALA A 56 -9.26 22.35 -5.56
CA ALA A 56 -8.48 23.21 -4.68
C ALA A 56 -7.09 23.51 -5.23
N THR A 57 -6.55 22.66 -6.11
CA THR A 57 -5.29 22.92 -6.79
C THR A 57 -5.46 23.69 -8.10
N ASN A 58 -6.67 24.17 -8.39
CA ASN A 58 -6.90 24.91 -9.63
C ASN A 58 -6.62 24.04 -10.85
N ASN A 59 -6.88 22.73 -10.74
CA ASN A 59 -6.70 21.72 -11.81
C ASN A 59 -5.24 21.33 -12.03
N ALA A 60 -4.31 21.84 -11.24
CA ALA A 60 -2.91 21.44 -11.42
C ALA A 60 -2.72 19.95 -11.12
N MET A 61 -3.47 19.42 -10.15
CA MET A 61 -3.40 17.98 -9.87
C MET A 61 -3.78 17.17 -11.10
N GLN A 62 -4.84 17.58 -11.81
CA GLN A 62 -5.27 16.85 -13.00
C GLN A 62 -4.22 16.94 -14.11
N VAL A 63 -3.63 18.11 -14.32
CA VAL A 63 -2.61 18.28 -15.35
C VAL A 63 -1.43 17.35 -15.10
N GLU A 64 -0.96 17.33 -13.85
CA GLU A 64 0.14 16.46 -13.48
C GLU A 64 -0.24 14.99 -13.65
N SER A 65 -1.47 14.65 -13.25
CA SER A 65 -1.94 13.28 -13.34
C SER A 65 -2.04 12.80 -14.78
N ASP A 66 -2.48 13.67 -15.69
CA ASP A 66 -2.60 13.27 -17.08
C ASP A 66 -1.23 12.94 -17.67
N ASP A 67 -0.21 13.71 -17.32
CA ASP A 67 1.14 13.40 -17.74
C ASP A 67 1.61 12.08 -17.15
N TYR A 68 1.31 11.83 -15.86
CA TYR A 68 1.68 10.56 -15.23
C TYR A 68 1.09 9.37 -15.98
N ILE A 69 -0.21 9.45 -16.31
CA ILE A 69 -0.87 8.34 -17.00
C ILE A 69 -0.33 8.18 -18.42
N ALA A 70 -0.09 9.28 -19.12
CA ALA A 70 0.45 9.18 -20.46
C ALA A 70 1.79 8.46 -20.47
N THR A 71 2.59 8.63 -19.41
CA THR A 71 3.89 7.99 -19.32
C THR A 71 3.81 6.55 -18.83
N ASN A 72 2.98 6.30 -17.81
CA ASN A 72 3.03 5.07 -17.04
C ASN A 72 1.84 4.16 -17.22
N GLY A 73 0.75 4.64 -17.79
CA GLY A 73 -0.46 3.87 -17.86
C GLY A 73 -1.21 3.87 -16.54
N PRO A 74 -2.37 3.22 -16.52
CA PRO A 74 -3.23 3.24 -15.33
C PRO A 74 -2.60 2.54 -14.14
N LEU A 75 -3.04 2.98 -12.96
CA LEU A 75 -2.72 2.26 -11.73
C LEU A 75 -3.52 0.96 -11.68
N LYS A 76 -3.16 0.13 -10.69
CA LYS A 76 -3.93 -1.05 -10.32
C LYS A 76 -4.93 -0.68 -9.24
N VAL A 77 -6.10 -1.33 -9.24
CA VAL A 77 -6.97 -1.26 -8.07
C VAL A 77 -6.21 -1.87 -6.89
N GLY A 78 -6.16 -1.13 -5.78
CA GLY A 78 -5.32 -1.47 -4.64
C GLY A 78 -3.96 -0.82 -4.66
N GLY A 79 -3.59 -0.17 -5.76
CA GLY A 79 -2.29 0.43 -5.90
C GLY A 79 -2.29 1.93 -5.64
N SER A 80 -1.14 2.54 -5.86
CA SER A 80 -0.94 3.95 -5.55
C SER A 80 0.22 4.52 -6.34
N CYS A 81 0.28 5.84 -6.36
CA CYS A 81 1.48 6.55 -6.81
C CYS A 81 1.61 7.82 -5.98
N VAL A 82 2.85 8.29 -5.85
CA VAL A 82 3.16 9.53 -5.18
C VAL A 82 3.36 10.62 -6.22
N LEU A 83 2.58 11.70 -6.10
CA LEU A 83 2.72 12.87 -6.95
C LEU A 83 2.83 14.11 -6.06
N SER A 84 2.88 15.27 -6.68
CA SER A 84 2.97 16.50 -5.91
C SER A 84 1.71 16.72 -5.06
N GLY A 85 1.90 17.35 -3.91
CA GLY A 85 0.79 17.83 -3.13
C GLY A 85 0.34 19.23 -3.48
N HIS A 86 1.01 19.88 -4.42
CA HIS A 86 0.61 21.21 -4.92
C HIS A 86 0.53 22.16 -3.72
N ASN A 87 -0.53 22.94 -3.60
CA ASN A 87 -0.71 23.89 -2.52
C ASN A 87 -1.31 23.27 -1.28
N LEU A 88 -1.51 21.95 -1.26
CA LEU A 88 -2.21 21.28 -0.17
C LEU A 88 -1.30 20.52 0.78
N ALA A 89 -0.16 20.04 0.31
CA ALA A 89 0.71 19.13 1.05
C ALA A 89 2.02 19.05 0.30
N LYS A 90 3.04 18.47 0.92
CA LYS A 90 4.27 18.22 0.18
C LYS A 90 4.00 17.23 -0.96
N HIS A 91 3.38 16.10 -0.63
CA HIS A 91 3.09 15.03 -1.56
C HIS A 91 1.61 14.66 -1.49
N CYS A 92 1.09 14.15 -2.59
CA CYS A 92 -0.20 13.49 -2.61
C CYS A 92 0.02 12.02 -2.94
N LEU A 93 -0.43 11.15 -2.04
CA LEU A 93 -0.46 9.72 -2.30
C LEU A 93 -1.82 9.38 -2.89
N HIS A 94 -1.85 9.12 -4.19
CA HIS A 94 -3.08 8.74 -4.88
C HIS A 94 -3.25 7.24 -4.68
N VAL A 95 -4.31 6.84 -3.97
CA VAL A 95 -4.56 5.44 -3.62
C VAL A 95 -5.88 5.03 -4.24
N VAL A 96 -5.89 3.88 -4.92
CA VAL A 96 -7.09 3.37 -5.56
C VAL A 96 -7.71 2.29 -4.70
N GLY A 97 -8.77 2.62 -3.98
CA GLY A 97 -9.58 1.60 -3.35
C GLY A 97 -10.55 1.02 -4.35
N PRO A 98 -11.06 -0.17 -4.09
CA PRO A 98 -12.08 -0.74 -4.98
C PRO A 98 -13.35 0.09 -4.97
N ASN A 99 -13.94 0.25 -6.16
N ASN A 99 -13.96 0.19 -6.14
CA ASN A 99 -15.20 0.97 -6.35
CA ASN A 99 -15.27 0.82 -6.31
C ASN A 99 -16.30 -0.07 -6.51
C ASN A 99 -16.32 -0.28 -6.29
N VAL A 100 -17.09 -0.24 -5.44
N VAL A 100 -17.23 -0.21 -5.32
CA VAL A 100 -18.18 -1.21 -5.45
CA VAL A 100 -18.31 -1.19 -5.25
C VAL A 100 -19.17 -0.92 -6.57
C VAL A 100 -19.38 -0.89 -6.31
N ASN A 101 -19.36 0.35 -6.92
N ASN A 101 -19.57 0.38 -6.66
CA ASN A 101 -20.26 0.66 -8.02
CA ASN A 101 -20.52 0.72 -7.71
C ASN A 101 -19.68 0.29 -9.38
C ASN A 101 -20.01 0.37 -9.10
N LYS A 102 -18.46 -0.26 -9.43
N LYS A 102 -18.72 0.07 -9.24
CA LYS A 102 -17.89 -0.87 -10.61
CA LYS A 102 -18.17 -0.51 -10.45
C LYS A 102 -17.74 -2.38 -10.49
C LYS A 102 -18.06 -2.03 -10.37
N GLY A 103 -18.18 -2.97 -9.38
N GLY A 103 -18.34 -2.62 -9.19
CA GLY A 103 -18.08 -4.40 -9.19
CA GLY A 103 -18.24 -4.06 -9.03
C GLY A 103 -16.74 -4.90 -8.69
C GLY A 103 -16.84 -4.55 -8.77
N GLU A 104 -15.89 -4.01 -8.18
N GLU A 104 -16.03 -3.78 -8.03
CA GLU A 104 -14.53 -4.40 -7.83
CA GLU A 104 -14.64 -4.15 -7.77
C GLU A 104 -14.47 -5.07 -6.47
C GLU A 104 -14.50 -4.79 -6.40
N ASP A 105 -13.48 -5.95 -6.31
N ASP A 105 -13.61 -5.79 -6.33
CA ASP A 105 -13.40 -6.84 -5.15
CA ASP A 105 -13.48 -6.63 -5.15
C ASP A 105 -13.08 -6.05 -3.89
C ASP A 105 -13.15 -5.80 -3.91
N ILE A 106 -14.00 -6.08 -2.91
N ILE A 106 -14.04 -5.85 -2.91
CA ILE A 106 -13.81 -5.35 -1.67
CA ILE A 106 -13.80 -5.11 -1.68
C ILE A 106 -12.59 -5.84 -0.91
C ILE A 106 -12.62 -5.66 -0.89
N GLN A 107 -12.17 -7.10 -1.15
N GLN A 107 -12.23 -6.92 -1.12
CA GLN A 107 -10.94 -7.60 -0.53
CA GLN A 107 -11.05 -7.46 -0.46
C GLN A 107 -9.74 -6.74 -0.88
C GLN A 107 -9.79 -6.71 -0.85
N LEU A 108 -9.80 -6.02 -2.00
CA LEU A 108 -8.68 -5.17 -2.39
C LEU A 108 -8.55 -3.95 -1.49
N LEU A 109 -9.51 -3.71 -0.60
CA LEU A 109 -9.42 -2.57 0.29
C LEU A 109 -8.20 -2.68 1.21
N LYS A 110 -7.89 -3.90 1.69
CA LYS A 110 -6.74 -4.07 2.54
C LYS A 110 -5.45 -3.73 1.78
N SER A 111 -5.32 -4.22 0.55
CA SER A 111 -4.17 -3.88 -0.28
C SER A 111 -4.04 -2.37 -0.45
N ALA A 112 -5.17 -1.70 -0.66
CA ALA A 112 -5.15 -0.24 -0.83
C ALA A 112 -4.59 0.43 0.42
N TYR A 113 -5.06 0.04 1.61
CA TYR A 113 -4.56 0.64 2.85
C TYR A 113 -3.09 0.32 3.10
N GLU A 114 -2.59 -0.82 2.61
CA GLU A 114 -1.17 -1.15 2.83
C GLU A 114 -0.25 -0.07 2.27
N ASN A 115 -0.69 0.67 1.25
CA ASN A 115 0.14 1.75 0.71
C ASN A 115 0.46 2.79 1.76
N PHE A 116 -0.44 2.98 2.74
CA PHE A 116 -0.20 3.99 3.77
C PHE A 116 1.04 3.67 4.59
N ASN A 117 1.41 2.39 4.71
CA ASN A 117 2.52 2.01 5.58
C ASN A 117 3.87 2.46 5.05
N GLN A 118 3.92 2.95 3.81
CA GLN A 118 5.15 3.51 3.25
C GLN A 118 5.40 4.95 3.66
N HIS A 119 4.53 5.51 4.52
CA HIS A 119 4.61 6.91 4.93
C HIS A 119 4.39 7.01 6.42
N GLU A 120 5.27 7.72 7.11
CA GLU A 120 5.23 7.72 8.58
C GLU A 120 3.97 8.40 9.13
N VAL A 121 3.49 9.44 8.45
CA VAL A 121 2.33 10.22 8.87
C VAL A 121 1.54 10.62 7.63
N LEU A 122 0.21 10.49 7.69
CA LEU A 122 -0.64 10.85 6.55
C LEU A 122 -1.95 11.45 7.03
N LEU A 123 -2.45 12.41 6.24
N LEU A 123 -2.48 12.37 6.22
CA LEU A 123 -3.84 12.87 6.30
CA LEU A 123 -3.84 12.88 6.32
C LEU A 123 -4.61 12.13 5.21
C LEU A 123 -4.65 12.24 5.21
N ALA A 124 -5.77 11.57 5.55
N ALA A 124 -5.65 11.42 5.58
CA ALA A 124 -6.42 10.66 4.61
CA ALA A 124 -6.33 10.59 4.60
C ALA A 124 -7.93 10.62 4.77
C ALA A 124 -7.84 10.62 4.80
N PRO A 125 -8.65 10.28 3.71
N PRO A 125 -8.60 10.35 3.72
CA PRO A 125 -10.06 9.91 3.80
CA PRO A 125 -10.04 10.09 3.87
C PRO A 125 -10.17 8.41 4.02
C PRO A 125 -10.28 8.60 4.05
N LEU A 126 -11.38 7.97 4.37
N LEU A 126 -11.55 8.19 4.16
CA LEU A 126 -11.67 6.54 4.38
CA LEU A 126 -11.88 6.78 4.28
C LEU A 126 -11.74 6.01 2.95
C LEU A 126 -11.99 6.16 2.88
N LEU A 127 -10.89 5.04 2.65
N LEU A 127 -11.00 5.35 2.52
CA LEU A 127 -10.83 4.50 1.30
CA LEU A 127 -10.98 4.76 1.19
C LEU A 127 -12.10 3.73 0.97
C LEU A 127 -12.19 3.86 0.95
N SER A 128 -12.55 3.90 -0.27
N SER A 128 -12.57 3.75 -0.32
CA SER A 128 -13.71 3.25 -0.85
CA SER A 128 -13.69 2.95 -0.82
C SER A 128 -15.03 3.76 -0.26
C SER A 128 -15.07 3.39 -0.33
N ALA A 129 -15.00 4.78 0.58
N ALA A 129 -15.13 4.34 0.60
CA ALA A 129 -16.21 5.37 1.11
CA ALA A 129 -16.41 4.86 1.07
C ALA A 129 -16.81 6.36 0.11
C ALA A 129 -16.91 5.93 0.09
N GLY A 130 -17.89 7.02 0.51
N GLY A 130 -18.01 6.60 0.46
CA GLY A 130 -18.52 7.98 -0.37
CA GLY A 130 -18.55 7.63 -0.39
C GLY A 130 -18.94 7.34 -1.67
C GLY A 130 -19.07 7.06 -1.69
N ILE A 131 -18.63 8.02 -2.78
N ILE A 131 -18.76 7.72 -2.81
CA ILE A 131 -19.08 7.57 -4.10
CA ILE A 131 -19.24 7.30 -4.11
C ILE A 131 -18.43 6.27 -4.56
C ILE A 131 -18.54 6.04 -4.61
N PHE A 132 -17.42 5.76 -3.83
N PHE A 132 -17.57 5.53 -3.84
CA PHE A 132 -16.88 4.44 -4.14
CA PHE A 132 -16.93 4.26 -4.19
C PHE A 132 -17.75 3.31 -3.59
C PHE A 132 -17.77 3.05 -3.80
N GLY A 133 -18.76 3.60 -2.78
N GLY A 133 -18.75 3.20 -2.90
CA GLY A 133 -19.84 2.67 -2.51
CA GLY A 133 -19.77 2.21 -2.70
C GLY A 133 -19.64 1.65 -1.42
C GLY A 133 -19.62 1.30 -1.49
N ALA A 134 -18.47 1.61 -0.76
N ALA A 134 -18.56 1.45 -0.70
CA ALA A 134 -18.27 0.64 0.30
CA ALA A 134 -18.37 0.60 0.47
C ALA A 134 -18.87 1.15 1.61
C ALA A 134 -18.83 1.29 1.75
N ASP A 135 -19.00 0.23 2.57
N ASP A 135 -19.15 0.48 2.75
CA ASP A 135 -19.48 0.57 3.91
CA ASP A 135 -19.59 0.97 4.05
C ASP A 135 -18.37 1.30 4.65
C ASP A 135 -18.43 1.64 4.77
N PRO A 136 -18.55 2.56 5.04
N PRO A 136 -18.54 2.90 5.18
CA PRO A 136 -17.47 3.29 5.73
CA PRO A 136 -17.43 3.52 5.92
C PRO A 136 -17.09 2.69 7.07
C PRO A 136 -17.04 2.80 7.20
N ILE A 137 -18.03 2.06 7.77
N ILE A 137 -17.98 2.13 7.87
CA ILE A 137 -17.67 1.38 9.02
CA ILE A 137 -17.63 1.37 9.07
C ILE A 137 -16.67 0.27 8.73
C ILE A 137 -16.64 0.27 8.73
N HIS A 138 -16.88 -0.47 7.65
N HIS A 138 -16.89 -0.45 7.64
CA HIS A 138 -15.93 -1.49 7.24
CA HIS A 138 -15.96 -1.50 7.21
C HIS A 138 -14.59 -0.88 6.85
C HIS A 138 -14.62 -0.91 6.81
N SER A 139 -14.62 0.23 6.10
CA SER A 139 -13.37 0.86 5.71
C SER A 139 -12.54 1.26 6.93
N LEU A 140 -13.18 1.82 7.95
CA LEU A 140 -12.46 2.20 9.16
C LEU A 140 -11.85 0.98 9.84
N ARG A 141 -12.60 -0.13 9.89
CA ARG A 141 -12.09 -1.36 10.49
C ARG A 141 -10.84 -1.84 9.74
N VAL A 142 -10.91 -1.89 8.41
CA VAL A 142 -9.75 -2.31 7.62
C VAL A 142 -8.58 -1.37 7.84
N CYS A 143 -8.84 -0.06 7.89
CA CYS A 143 -7.78 0.90 8.16
C CYS A 143 -7.06 0.57 9.45
N VAL A 144 -7.82 0.45 10.55
CA VAL A 144 -7.23 0.23 11.85
C VAL A 144 -6.45 -1.08 11.88
N ASP A 145 -6.93 -2.10 11.19
CA ASP A 145 -6.31 -3.42 11.19
C ASP A 145 -5.20 -3.57 10.15
N THR A 146 -4.92 -2.56 9.35
CA THR A 146 -3.92 -2.65 8.29
C THR A 146 -2.84 -1.61 8.41
N VAL A 147 -3.20 -0.35 8.67
CA VAL A 147 -2.24 0.74 8.74
C VAL A 147 -1.55 0.71 10.09
N ARG A 148 -0.21 0.73 10.06
CA ARG A 148 0.61 0.76 11.25
C ARG A 148 1.29 2.11 11.47
N THR A 149 1.36 2.94 10.42
CA THR A 149 1.89 4.28 10.54
C THR A 149 0.79 5.21 11.04
N ASN A 150 1.12 6.48 11.26
CA ASN A 150 0.23 7.40 11.96
C ASN A 150 -0.71 8.04 10.94
N VAL A 151 -2.00 7.73 11.04
CA VAL A 151 -2.98 8.17 10.06
C VAL A 151 -4.02 9.03 10.75
N TYR A 152 -4.26 10.21 10.15
CA TYR A 152 -5.23 11.20 10.59
C TYR A 152 -6.37 11.20 9.55
N LEU A 153 -7.51 10.66 9.95
CA LEU A 153 -8.65 10.49 9.06
C LEU A 153 -9.60 11.68 9.15
N ALA A 154 -9.92 12.26 8.00
N ALA A 154 -9.89 12.29 8.01
CA ALA A 154 -10.90 13.32 7.90
CA ALA A 154 -10.77 13.44 7.93
C ALA A 154 -12.18 12.74 7.32
C ALA A 154 -12.10 13.00 7.33
N VAL A 155 -13.29 12.94 8.03
N VAL A 155 -13.14 12.99 8.14
CA VAL A 155 -14.61 12.47 7.61
CA VAL A 155 -14.48 12.57 7.72
C VAL A 155 -15.48 13.69 7.38
C VAL A 155 -15.29 13.81 7.39
N PHE A 156 -15.87 13.92 6.13
N PHE A 156 -15.84 13.84 6.17
CA PHE A 156 -16.60 15.14 5.77
CA PHE A 156 -16.55 15.03 5.71
C PHE A 156 -17.97 15.20 6.44
C PHE A 156 -17.98 15.08 6.22
N ASP A 157 -18.70 14.09 6.45
N ASP A 157 -18.69 13.95 6.17
CA ASP A 157 -20.09 14.07 6.89
CA ASP A 157 -20.10 13.91 6.57
C ASP A 157 -20.16 13.94 8.40
C ASP A 157 -20.20 13.88 8.10
N LYS A 158 -20.73 14.95 9.06
N LYS A 158 -20.97 14.82 8.65
CA LYS A 158 -20.81 14.94 10.52
CA LYS A 158 -21.10 14.90 10.10
C LYS A 158 -21.64 13.76 11.02
C LYS A 158 -21.84 13.69 10.65
N ASN A 159 -22.77 13.50 10.38
N ASN A 159 -22.92 13.28 10.00
CA ASN A 159 -23.58 12.35 10.78
CA ASN A 159 -23.70 12.15 10.52
C ASN A 159 -22.79 11.05 10.67
C ASN A 159 -22.96 10.83 10.36
N LEU A 160 -22.03 10.89 9.58
N LEU A 160 -22.15 10.68 9.30
CA LEU A 160 -21.22 9.68 9.43
CA LEU A 160 -21.30 9.51 9.19
C LEU A 160 -20.13 9.61 10.49
C LEU A 160 -20.22 9.52 10.27
N TYR A 161 -19.45 10.73 10.75
N TYR A 161 -19.63 10.69 10.53
CA TYR A 161 -18.41 10.75 11.77
CA TYR A 161 -18.63 10.81 11.58
C TYR A 161 -18.94 10.24 13.11
C TYR A 161 -19.21 10.35 12.92
N ASP A 162 -20.11 10.74 13.53
N ASP A 162 -20.42 10.80 13.24
CA ASP A 162 -20.65 10.31 14.82
CA ASP A 162 -21.05 10.38 14.50
C ASP A 162 -20.96 8.83 14.83
C ASP A 162 -21.25 8.86 14.53
N LYS A 163 -21.46 8.29 13.72
N LYS A 163 -21.68 8.28 13.42
CA LYS A 163 -21.75 6.85 13.65
CA LYS A 163 -21.92 6.83 13.39
C LYS A 163 -20.47 6.04 13.69
C LYS A 163 -20.61 6.06 13.47
N LEU A 164 -19.41 6.52 13.04
N LEU A 164 -19.57 6.55 12.79
CA LEU A 164 -18.14 5.81 13.02
CA LEU A 164 -18.28 5.88 12.85
C LEU A 164 -17.54 5.71 14.42
C LEU A 164 -17.71 5.91 14.26
N VAL A 165 -17.56 6.82 15.15
N VAL A 165 -17.87 7.03 14.96
CA VAL A 165 -17.06 6.82 16.52
CA VAL A 165 -17.33 7.15 16.32
C VAL A 165 -17.93 5.93 17.40
C VAL A 165 -18.08 6.21 17.27
N SER A 166 -19.24 6.14 17.35
N SER A 166 -19.41 6.26 17.24
CA SER A 166 -20.14 5.47 18.28
CA SER A 166 -20.18 5.54 18.25
C SER A 166 -20.16 3.96 18.07
C SER A 166 -20.13 4.03 18.04
N SER A 167 -19.85 3.51 16.86
N SER A 167 -19.91 3.56 16.82
CA SER A 167 -19.86 2.08 16.56
CA SER A 167 -19.95 2.14 16.50
C SER A 167 -18.46 1.47 16.59
C SER A 167 -18.58 1.49 16.45
N PHE A 168 -17.43 2.24 16.92
N PHE A 168 -17.51 2.23 16.73
CA PHE A 168 -16.07 1.73 16.82
CA PHE A 168 -16.17 1.66 16.65
C PHE A 168 -15.77 0.75 17.95
C PHE A 168 -15.96 0.62 17.74
N LEU A 169 -15.27 -0.42 17.57
N LEU A 169 -15.40 -0.52 17.36
CA LEU A 169 -14.92 -1.43 18.56
CA LEU A 169 -15.12 -1.60 18.31
C LEU A 169 -13.44 -1.34 18.89
C LEU A 169 -13.65 -1.61 18.67
N SER B 1 2.07 -20.08 -25.29
N SER B 1 2.05 -20.15 -25.29
CA SER B 1 3.31 -20.19 -24.50
CA SER B 1 3.31 -20.15 -24.52
C SER B 1 3.01 -20.49 -23.04
C SER B 1 3.03 -20.46 -23.06
N MET B 2 4.06 -20.85 -22.34
N MET B 2 4.09 -20.71 -22.30
CA MET B 2 3.99 -21.36 -20.97
CA MET B 2 4.00 -21.20 -20.94
C MET B 2 4.66 -20.34 -20.06
C MET B 2 4.65 -20.19 -20.01
N VAL B 3 3.87 -19.68 -19.22
N VAL B 3 3.84 -19.47 -19.24
CA VAL B 3 4.37 -18.75 -18.23
CA VAL B 3 4.32 -18.56 -18.22
C VAL B 3 3.77 -19.12 -16.88
C VAL B 3 3.70 -18.94 -16.88
N ASN B 4 4.46 -18.73 -15.81
CA ASN B 4 4.02 -19.04 -14.46
C ASN B 4 3.73 -20.53 -14.30
N SER B 5 4.61 -21.37 -14.84
CA SER B 5 4.45 -22.82 -14.77
C SER B 5 5.28 -23.37 -13.61
N PHE B 6 4.77 -23.13 -12.41
CA PHE B 6 5.45 -23.57 -11.19
C PHE B 6 5.19 -25.05 -10.99
N SER B 7 6.24 -25.80 -10.65
N SER B 7 6.24 -25.81 -10.67
CA SER B 7 6.12 -27.25 -10.48
CA SER B 7 6.16 -27.25 -10.51
C SER B 7 6.96 -27.70 -9.29
C SER B 7 6.99 -27.69 -9.31
N GLY B 8 6.45 -28.68 -8.54
N GLY B 8 6.47 -28.67 -8.56
CA GLY B 8 7.19 -29.26 -7.45
CA GLY B 8 7.22 -29.24 -7.47
C GLY B 8 7.16 -28.49 -6.16
C GLY B 8 7.20 -28.44 -6.19
N TYR B 9 6.23 -27.56 -6.01
CA TYR B 9 6.13 -26.78 -4.78
C TYR B 9 5.26 -27.48 -3.75
N LEU B 10 5.63 -27.28 -2.49
CA LEU B 10 4.85 -27.76 -1.36
C LEU B 10 3.94 -26.64 -0.89
N LYS B 11 2.67 -26.94 -0.71
CA LYS B 11 1.70 -25.96 -0.26
C LYS B 11 1.81 -25.79 1.25
N LEU B 12 2.04 -24.55 1.71
CA LEU B 12 2.04 -24.22 3.12
C LEU B 12 0.70 -23.65 3.58
N THR B 13 0.18 -22.70 2.82
CA THR B 13 -1.16 -22.14 3.02
C THR B 13 -1.83 -22.06 1.65
N ASP B 14 -3.06 -21.53 1.65
N ASP B 14 -3.05 -21.53 1.64
CA ASP B 14 -3.80 -21.44 0.40
CA ASP B 14 -3.82 -21.43 0.40
C ASP B 14 -3.05 -20.64 -0.66
C ASP B 14 -3.14 -20.56 -0.65
N ASN B 15 -2.17 -19.72 -0.26
CA ASN B 15 -1.50 -18.85 -1.20
C ASN B 15 0.03 -18.85 -1.11
N VAL B 16 0.63 -19.62 -0.20
CA VAL B 16 2.08 -19.64 -0.04
C VAL B 16 2.58 -21.05 -0.30
N TYR B 17 3.55 -21.15 -1.23
CA TYR B 17 4.12 -22.41 -1.67
C TYR B 17 5.64 -22.32 -1.54
N ILE B 18 6.31 -23.47 -1.38
CA ILE B 18 7.75 -23.46 -1.13
C ILE B 18 8.42 -24.62 -1.86
N LYS B 19 9.65 -24.39 -2.31
CA LYS B 19 10.42 -25.41 -3.03
C LYS B 19 11.89 -25.24 -2.71
N ASN B 20 12.60 -26.37 -2.63
CA ASN B 20 14.05 -26.35 -2.53
C ASN B 20 14.60 -26.19 -3.94
N ALA B 21 15.06 -24.98 -4.27
CA ALA B 21 15.45 -24.68 -5.64
C ALA B 21 16.33 -23.43 -5.67
N ASP B 22 17.12 -23.35 -6.74
CA ASP B 22 17.90 -22.16 -7.10
C ASP B 22 16.98 -21.22 -7.85
N ILE B 23 16.78 -20.01 -7.30
CA ILE B 23 15.76 -19.10 -7.83
C ILE B 23 16.06 -18.68 -9.26
N VAL B 24 17.34 -18.61 -9.65
CA VAL B 24 17.68 -18.29 -11.03
C VAL B 24 17.24 -19.42 -11.96
N GLU B 25 17.60 -20.65 -11.61
CA GLU B 25 17.17 -21.79 -12.42
C GLU B 25 15.66 -21.90 -12.45
N GLU B 26 15.00 -21.63 -11.32
CA GLU B 26 13.55 -21.64 -11.29
C GLU B 26 12.96 -20.59 -12.22
N ALA B 27 13.49 -19.37 -12.17
CA ALA B 27 12.98 -18.32 -13.03
C ALA B 27 13.08 -18.70 -14.50
N LYS B 28 14.23 -19.26 -14.90
CA LYS B 28 14.40 -19.63 -16.30
C LYS B 28 13.45 -20.73 -16.72
N LYS B 29 13.07 -21.61 -15.79
N LYS B 29 13.06 -21.61 -15.80
CA LYS B 29 12.16 -22.71 -16.12
CA LYS B 29 12.16 -22.70 -16.13
C LYS B 29 10.69 -22.31 -16.01
C LYS B 29 10.69 -22.31 -16.00
N VAL B 30 10.33 -21.57 -14.96
CA VAL B 30 8.92 -21.23 -14.71
C VAL B 30 8.41 -20.13 -15.63
N LYS B 31 9.31 -19.23 -16.06
CA LYS B 31 8.96 -18.06 -16.85
C LYS B 31 7.92 -17.22 -16.10
N PRO B 32 8.24 -16.74 -14.89
CA PRO B 32 7.24 -16.01 -14.11
C PRO B 32 7.03 -14.60 -14.63
N THR B 33 5.81 -14.11 -14.41
CA THR B 33 5.54 -12.69 -14.64
C THR B 33 6.41 -11.81 -13.76
N VAL B 34 6.64 -12.23 -12.51
CA VAL B 34 7.38 -11.43 -11.54
C VAL B 34 8.36 -12.32 -10.80
N VAL B 35 9.63 -11.94 -10.81
CA VAL B 35 10.61 -12.48 -9.87
C VAL B 35 10.98 -11.37 -8.89
N VAL B 36 11.01 -11.71 -7.60
CA VAL B 36 11.38 -10.76 -6.57
C VAL B 36 12.88 -10.80 -6.34
N ASN B 37 13.49 -9.62 -6.29
CA ASN B 37 14.88 -9.48 -5.86
C ASN B 37 14.95 -9.01 -4.41
N ALA B 38 15.89 -9.60 -3.67
CA ALA B 38 16.24 -9.17 -2.32
C ALA B 38 17.19 -7.98 -2.43
N ALA B 39 16.59 -6.81 -2.66
CA ALA B 39 17.32 -5.60 -3.01
C ALA B 39 17.73 -4.80 -1.77
N ASN B 40 18.61 -3.83 -2.00
CA ASN B 40 18.92 -2.77 -1.04
C ASN B 40 18.50 -1.43 -1.64
N VAL B 41 18.56 -0.37 -0.82
CA VAL B 41 17.94 0.89 -1.22
C VAL B 41 18.60 1.53 -2.43
N TYR B 42 19.89 1.27 -2.65
CA TYR B 42 20.58 1.81 -3.82
C TYR B 42 20.66 0.81 -4.97
N LEU B 43 19.95 -0.31 -4.88
CA LEU B 43 19.90 -1.31 -5.95
C LEU B 43 21.30 -1.69 -6.39
N LYS B 44 22.19 -1.92 -5.42
CA LYS B 44 23.54 -2.41 -5.67
C LYS B 44 23.52 -3.92 -5.45
N HIS B 45 23.55 -4.66 -6.55
CA HIS B 45 23.26 -6.10 -6.54
C HIS B 45 24.56 -6.89 -6.37
N GLY B 46 25.10 -6.82 -5.16
CA GLY B 46 26.40 -7.41 -4.90
C GLY B 46 26.41 -8.89 -4.54
N GLY B 47 25.61 -9.27 -3.55
CA GLY B 47 25.72 -10.59 -2.95
C GLY B 47 24.39 -11.30 -2.90
N GLY B 48 24.44 -12.56 -2.42
CA GLY B 48 23.21 -13.29 -2.21
C GLY B 48 22.34 -13.35 -3.44
N VAL B 49 21.03 -13.27 -3.23
CA VAL B 49 20.08 -13.37 -4.32
C VAL B 49 20.33 -12.29 -5.37
N ALA B 50 20.53 -11.05 -4.93
CA ALA B 50 20.68 -9.96 -5.89
C ALA B 50 21.89 -10.17 -6.79
N GLY B 51 23.01 -10.59 -6.20
CA GLY B 51 24.18 -10.87 -7.01
C GLY B 51 23.93 -11.96 -8.03
N ALA B 52 23.21 -13.01 -7.62
CA ALA B 52 22.93 -14.11 -8.54
C ALA B 52 22.00 -13.70 -9.66
N LEU B 53 20.93 -12.97 -9.34
CA LEU B 53 20.03 -12.49 -10.38
C LEU B 53 20.76 -11.58 -11.35
N ASN B 54 21.53 -10.63 -10.84
CA ASN B 54 22.23 -9.70 -11.71
C ASN B 54 23.22 -10.44 -12.61
N LYS B 55 23.97 -11.39 -12.05
CA LYS B 55 24.91 -12.15 -12.86
C LYS B 55 24.20 -12.89 -13.99
N ALA B 56 23.02 -13.45 -13.70
CA ALA B 56 22.27 -14.16 -14.74
C ALA B 56 21.89 -13.23 -15.89
N THR B 57 21.70 -11.95 -15.60
CA THR B 57 21.38 -10.96 -16.63
C THR B 57 22.62 -10.38 -17.30
N ASN B 58 23.80 -10.91 -16.99
CA ASN B 58 25.05 -10.38 -17.54
C ASN B 58 25.20 -8.89 -17.25
N ASN B 59 24.82 -8.50 -16.04
CA ASN B 59 24.96 -7.15 -15.49
C ASN B 59 23.94 -6.17 -16.07
N ALA B 60 23.03 -6.60 -16.95
CA ALA B 60 22.02 -5.68 -17.47
C ALA B 60 21.12 -5.14 -16.35
N MET B 61 20.82 -5.97 -15.35
CA MET B 61 20.03 -5.51 -14.23
C MET B 61 20.73 -4.35 -13.50
N GLN B 62 22.04 -4.47 -13.29
CA GLN B 62 22.75 -3.41 -12.56
C GLN B 62 22.77 -2.11 -13.36
N VAL B 63 23.01 -2.20 -14.67
CA VAL B 63 23.02 -0.98 -15.49
C VAL B 63 21.65 -0.30 -15.42
N GLU B 64 20.59 -1.07 -15.57
CA GLU B 64 19.24 -0.52 -15.51
C GLU B 64 18.96 0.08 -14.14
N SER B 65 19.42 -0.60 -13.08
CA SER B 65 19.21 -0.14 -11.72
C SER B 65 19.92 1.17 -11.46
N ASP B 66 21.17 1.31 -11.92
CA ASP B 66 21.90 2.55 -11.70
C ASP B 66 21.20 3.72 -12.38
N ASP B 67 20.64 3.49 -13.58
CA ASP B 67 19.89 4.55 -14.24
C ASP B 67 18.62 4.90 -13.46
N TYR B 68 17.93 3.88 -12.93
CA TYR B 68 16.76 4.14 -12.09
C TYR B 68 17.11 5.03 -10.91
N ILE B 69 18.22 4.72 -10.24
CA ILE B 69 18.64 5.49 -9.07
C ILE B 69 19.00 6.92 -9.45
N ALA B 70 19.69 7.09 -10.58
CA ALA B 70 20.02 8.45 -11.03
C ALA B 70 18.77 9.30 -11.20
N THR B 71 17.70 8.70 -11.70
CA THR B 71 16.47 9.44 -11.98
C THR B 71 15.61 9.62 -10.74
N ASN B 72 15.57 8.61 -9.87
CA ASN B 72 14.58 8.53 -8.81
C ASN B 72 15.14 8.60 -7.40
N GLY B 73 16.45 8.40 -7.20
CA GLY B 73 16.99 8.31 -5.88
C GLY B 73 16.72 6.97 -5.25
N PRO B 74 17.26 6.76 -4.05
CA PRO B 74 17.16 5.45 -3.40
C PRO B 74 15.74 5.14 -2.95
N LEU B 75 15.48 3.84 -2.85
CA LEU B 75 14.24 3.34 -2.26
C LEU B 75 14.27 3.55 -0.74
N LYS B 76 13.12 3.31 -0.13
CA LYS B 76 13.00 3.22 1.33
C LYS B 76 13.10 1.76 1.75
N VAL B 77 13.68 1.51 2.93
CA VAL B 77 13.57 0.17 3.52
C VAL B 77 12.09 -0.12 3.73
N GLY B 78 11.66 -1.29 3.25
CA GLY B 78 10.26 -1.65 3.22
C GLY B 78 9.57 -1.35 1.90
N GLY B 79 10.24 -0.63 0.99
CA GLY B 79 9.67 -0.27 -0.28
C GLY B 79 10.14 -1.16 -1.42
N SER B 80 9.70 -0.80 -2.63
CA SER B 80 9.99 -1.60 -3.82
C SER B 80 9.92 -0.74 -5.07
N CYS B 81 10.45 -1.29 -6.17
CA CYS B 81 10.20 -0.76 -7.49
C CYS B 81 10.12 -1.92 -8.47
N VAL B 82 9.41 -1.69 -9.58
CA VAL B 82 9.29 -2.67 -10.66
C VAL B 82 10.22 -2.26 -11.78
N LEU B 83 11.11 -3.17 -12.17
CA LEU B 83 12.00 -2.98 -13.31
C LEU B 83 11.88 -4.19 -14.24
N SER B 84 12.68 -4.21 -15.30
CA SER B 84 12.63 -5.34 -16.22
C SER B 84 13.07 -6.63 -15.54
N GLY B 85 12.51 -7.74 -15.99
CA GLY B 85 12.98 -9.05 -15.60
C GLY B 85 14.03 -9.66 -16.51
N HIS B 86 14.40 -9.00 -17.60
CA HIS B 86 15.55 -9.43 -18.44
C HIS B 86 15.30 -10.85 -18.93
N ASN B 87 16.23 -11.78 -18.74
CA ASN B 87 16.09 -13.17 -19.16
C ASN B 87 15.47 -14.04 -18.07
N LEU B 88 14.94 -13.44 -17.00
CA LEU B 88 14.44 -14.17 -15.86
C LEU B 88 12.92 -14.15 -15.72
N ALA B 89 12.27 -13.07 -16.17
CA ALA B 89 10.86 -12.86 -15.87
C ALA B 89 10.41 -11.68 -16.71
N LYS B 90 9.10 -11.46 -16.75
CA LYS B 90 8.62 -10.23 -17.38
C LYS B 90 9.13 -9.02 -16.60
N HIS B 91 8.96 -9.05 -15.28
CA HIS B 91 9.35 -7.97 -14.39
C HIS B 91 10.17 -8.51 -13.24
N CYS B 92 11.06 -7.67 -12.73
CA CYS B 92 11.69 -7.90 -11.44
C CYS B 92 11.14 -6.88 -10.45
N LEU B 93 10.56 -7.37 -9.36
CA LEU B 93 10.13 -6.54 -8.25
C LEU B 93 11.27 -6.49 -7.25
N HIS B 94 11.95 -5.34 -7.19
CA HIS B 94 13.06 -5.15 -6.26
C HIS B 94 12.47 -4.71 -4.93
N VAL B 95 12.55 -5.56 -3.89
CA VAL B 95 11.94 -5.29 -2.59
C VAL B 95 13.04 -5.18 -1.56
N VAL B 96 13.00 -4.13 -0.75
CA VAL B 96 14.02 -3.90 0.28
C VAL B 96 13.47 -4.35 1.63
N GLY B 97 13.90 -5.51 2.10
CA GLY B 97 13.65 -5.91 3.47
C GLY B 97 14.70 -5.30 4.39
N PRO B 98 14.42 -5.22 5.68
CA PRO B 98 15.43 -4.73 6.62
C PRO B 98 16.62 -5.67 6.70
N ASN B 99 17.80 -5.08 6.76
CA ASN B 99 19.05 -5.83 6.93
C ASN B 99 19.44 -5.77 8.40
N VAL B 100 19.17 -6.87 9.12
N VAL B 100 19.18 -6.88 9.12
CA VAL B 100 19.50 -6.93 10.55
CA VAL B 100 19.51 -6.94 10.54
C VAL B 100 21.02 -6.85 10.75
C VAL B 100 21.02 -6.85 10.76
N ASN B 101 21.81 -7.36 9.82
CA ASN B 101 23.26 -7.24 9.91
C ASN B 101 23.73 -5.79 9.79
N LYS B 102 22.87 -4.89 9.28
N LYS B 102 22.86 -4.89 9.32
CA LYS B 102 23.15 -3.47 9.21
CA LYS B 102 23.12 -3.45 9.32
C LYS B 102 22.44 -2.69 10.31
C LYS B 102 22.41 -2.73 10.45
N GLY B 103 21.82 -3.37 11.27
N GLY B 103 21.74 -3.46 11.34
CA GLY B 103 21.13 -2.71 12.36
CA GLY B 103 21.05 -2.83 12.45
C GLY B 103 19.74 -2.23 12.05
C GLY B 103 19.70 -2.26 12.12
N GLU B 104 19.20 -2.54 10.87
N GLU B 104 19.09 -2.64 10.99
CA GLU B 104 17.90 -2.04 10.49
CA GLU B 104 17.81 -2.10 10.59
C GLU B 104 16.79 -2.79 11.23
C GLU B 104 16.67 -2.84 11.28
N ASP B 105 15.64 -2.12 11.36
N ASP B 105 15.57 -2.13 11.50
CA ASP B 105 14.58 -2.57 12.24
CA ASP B 105 14.49 -2.64 12.33
C ASP B 105 13.82 -3.73 11.60
C ASP B 105 13.78 -3.80 11.64
N ILE B 106 13.89 -4.91 12.25
N ILE B 106 13.81 -4.97 12.29
CA ILE B 106 13.18 -6.09 11.76
CA ILE B 106 13.12 -6.14 11.76
C ILE B 106 11.69 -5.85 11.63
C ILE B 106 11.62 -5.90 11.62
N GLN B 107 11.14 -4.87 12.36
N GLN B 107 11.08 -4.91 12.34
CA GLN B 107 9.71 -4.58 12.27
CA GLN B 107 9.65 -4.61 12.25
C GLN B 107 9.28 -4.19 10.85
C GLN B 107 9.25 -4.16 10.84
N LEU B 108 10.20 -3.68 10.03
CA LEU B 108 9.89 -3.25 8.68
C LEU B 108 9.68 -4.39 7.70
N LEU B 109 9.87 -5.64 8.16
CA LEU B 109 9.69 -6.78 7.28
C LEU B 109 8.25 -6.92 6.79
N LYS B 110 7.27 -6.61 7.66
CA LYS B 110 5.88 -6.70 7.21
C LYS B 110 5.60 -5.73 6.06
N SER B 111 6.05 -4.48 6.19
CA SER B 111 5.90 -3.51 5.11
C SER B 111 6.54 -4.02 3.83
N ALA B 112 7.72 -4.62 3.93
CA ALA B 112 8.38 -5.16 2.75
C ALA B 112 7.53 -6.21 2.06
N TYR B 113 6.98 -7.16 2.84
CA TYR B 113 6.14 -8.18 2.24
C TYR B 113 4.84 -7.63 1.65
N GLU B 114 4.33 -6.51 2.17
CA GLU B 114 3.10 -5.95 1.63
C GLU B 114 3.25 -5.61 0.15
N ASN B 115 4.47 -5.33 -0.31
CA ASN B 115 4.66 -5.06 -1.74
C ASN B 115 4.22 -6.23 -2.60
N PHE B 116 4.32 -7.46 -2.09
CA PHE B 116 3.95 -8.63 -2.87
C PHE B 116 2.47 -8.60 -3.24
N ASN B 117 1.64 -7.96 -2.41
CA ASN B 117 0.19 -7.98 -2.64
C ASN B 117 -0.23 -7.18 -3.87
N GLN B 118 0.68 -6.44 -4.48
CA GLN B 118 0.40 -5.72 -5.71
C GLN B 118 0.57 -6.58 -6.95
N HIS B 119 0.87 -7.86 -6.79
CA HIS B 119 1.11 -8.78 -7.90
C HIS B 119 0.38 -10.08 -7.65
N GLU B 120 -0.35 -10.58 -8.64
CA GLU B 120 -1.20 -11.74 -8.38
C GLU B 120 -0.40 -13.01 -8.13
N VAL B 121 0.77 -13.14 -8.75
CA VAL B 121 1.62 -14.31 -8.57
C VAL B 121 3.08 -13.88 -8.70
N LEU B 122 3.93 -14.41 -7.82
CA LEU B 122 5.35 -14.05 -7.77
C LEU B 122 6.20 -15.27 -7.45
N LEU B 123 7.41 -15.31 -8.04
CA LEU B 123 8.50 -16.16 -7.61
C LEU B 123 9.40 -15.33 -6.71
N ALA B 124 9.73 -15.83 -5.50
CA ALA B 124 10.38 -14.94 -4.54
C ALA B 124 11.32 -15.70 -3.63
N PRO B 125 12.32 -15.01 -3.09
CA PRO B 125 13.08 -15.50 -1.94
C PRO B 125 12.41 -15.02 -0.64
N LEU B 126 12.85 -15.61 0.47
CA LEU B 126 12.44 -15.11 1.78
C LEU B 126 13.14 -13.78 2.07
N LEU B 127 12.35 -12.74 2.28
CA LEU B 127 12.91 -11.42 2.52
C LEU B 127 13.66 -11.37 3.84
N SER B 128 14.75 -10.59 3.83
CA SER B 128 15.62 -10.34 4.97
C SER B 128 16.36 -11.58 5.45
N ALA B 129 16.25 -12.71 4.73
CA ALA B 129 16.99 -13.91 5.08
C ALA B 129 18.43 -13.83 4.57
N GLY B 130 19.20 -14.86 4.93
CA GLY B 130 20.53 -15.00 4.35
C GLY B 130 21.43 -13.86 4.79
N ILE B 131 22.06 -13.21 3.79
CA ILE B 131 23.00 -12.16 4.08
C ILE B 131 22.36 -10.94 4.74
N PHE B 132 21.03 -10.85 4.74
CA PHE B 132 20.32 -9.78 5.45
C PHE B 132 20.15 -10.08 6.95
N GLY B 133 20.38 -11.31 7.40
CA GLY B 133 20.55 -11.59 8.82
C GLY B 133 19.31 -11.90 9.64
N ALA B 134 18.11 -11.85 9.07
CA ALA B 134 16.93 -12.19 9.85
C ALA B 134 16.77 -13.70 9.97
N ASP B 135 16.00 -14.12 10.97
CA ASP B 135 15.69 -15.53 11.14
C ASP B 135 14.77 -15.95 9.99
N PRO B 136 15.17 -16.89 9.14
CA PRO B 136 14.29 -17.27 8.02
C PRO B 136 12.97 -17.84 8.47
N ILE B 137 12.92 -18.48 9.66
CA ILE B 137 11.64 -18.96 10.18
C ILE B 137 10.69 -17.79 10.42
N HIS B 138 11.22 -16.70 10.96
CA HIS B 138 10.42 -15.51 11.15
C HIS B 138 10.02 -14.89 9.82
N SER B 139 10.92 -14.87 8.85
CA SER B 139 10.56 -14.31 7.55
C SER B 139 9.41 -15.09 6.93
N LEU B 140 9.44 -16.42 7.03
CA LEU B 140 8.34 -17.21 6.51
C LEU B 140 7.04 -16.90 7.25
N ARG B 141 7.12 -16.73 8.57
CA ARG B 141 5.97 -16.35 9.37
C ARG B 141 5.35 -15.05 8.87
N VAL B 142 6.19 -14.03 8.70
CA VAL B 142 5.66 -12.75 8.25
C VAL B 142 5.09 -12.87 6.85
N CYS B 143 5.75 -13.64 5.98
CA CYS B 143 5.23 -13.86 4.64
C CYS B 143 3.82 -14.43 4.69
N VAL B 144 3.64 -15.52 5.42
CA VAL B 144 2.33 -16.17 5.47
C VAL B 144 1.27 -15.25 6.07
N ASP B 145 1.65 -14.43 7.04
CA ASP B 145 0.71 -13.57 7.74
C ASP B 145 0.46 -12.25 7.02
N THR B 146 1.17 -11.97 5.92
CA THR B 146 1.08 -10.68 5.24
C THR B 146 0.68 -10.81 3.78
N VAL B 147 1.25 -11.77 3.06
CA VAL B 147 1.01 -11.90 1.63
C VAL B 147 -0.28 -12.67 1.44
N ARG B 148 -1.15 -12.13 0.59
CA ARG B 148 -2.41 -12.75 0.23
C ARG B 148 -2.47 -13.21 -1.22
N THR B 149 -1.58 -12.69 -2.07
CA THR B 149 -1.46 -13.14 -3.44
C THR B 149 -0.60 -14.41 -3.47
N ASN B 150 -0.44 -15.01 -4.64
CA ASN B 150 0.17 -16.33 -4.74
C ASN B 150 1.69 -16.18 -4.80
N VAL B 151 2.37 -16.66 -3.77
CA VAL B 151 3.82 -16.52 -3.70
C VAL B 151 4.45 -17.90 -3.66
N TYR B 152 5.42 -18.09 -4.56
CA TYR B 152 6.18 -19.32 -4.73
C TYR B 152 7.60 -19.03 -4.26
N LEU B 153 7.96 -19.58 -3.10
CA LEU B 153 9.23 -19.31 -2.44
C LEU B 153 10.26 -20.34 -2.85
N ALA B 154 11.44 -19.86 -3.25
CA ALA B 154 12.58 -20.71 -3.60
C ALA B 154 13.62 -20.62 -2.48
N VAL B 155 13.96 -21.77 -1.92
CA VAL B 155 14.96 -21.87 -0.87
C VAL B 155 16.10 -22.75 -1.39
N PHE B 156 17.29 -22.17 -1.48
CA PHE B 156 18.42 -22.86 -2.13
C PHE B 156 18.93 -24.06 -1.33
N ASP B 157 19.15 -23.88 -0.03
CA ASP B 157 19.78 -24.92 0.79
C ASP B 157 18.72 -25.92 1.25
N LYS B 158 18.89 -27.18 0.85
CA LYS B 158 17.97 -28.25 1.28
C LYS B 158 17.82 -28.28 2.80
N ASN B 159 18.91 -28.06 3.54
CA ASN B 159 18.84 -28.15 4.99
C ASN B 159 18.02 -27.01 5.59
N LEU B 160 18.09 -25.80 4.99
CA LEU B 160 17.23 -24.72 5.46
C LEU B 160 15.78 -24.97 5.05
N TYR B 161 15.58 -25.45 3.82
CA TYR B 161 14.24 -25.83 3.38
C TYR B 161 13.60 -26.79 4.39
N ASP B 162 14.34 -27.83 4.78
CA ASP B 162 13.79 -28.81 5.71
C ASP B 162 13.46 -28.17 7.06
N LYS B 163 14.32 -27.27 7.54
CA LYS B 163 14.04 -26.59 8.81
C LYS B 163 12.79 -25.74 8.71
N LEU B 164 12.61 -25.05 7.57
CA LEU B 164 11.44 -24.20 7.39
C LEU B 164 10.15 -25.01 7.31
N VAL B 165 10.16 -26.08 6.51
CA VAL B 165 8.96 -26.90 6.34
C VAL B 165 8.64 -27.64 7.62
N SER B 166 9.64 -28.27 8.22
CA SER B 166 9.40 -29.12 9.37
C SER B 166 8.93 -28.33 10.58
N SER B 167 9.28 -27.05 10.69
CA SER B 167 8.90 -26.23 11.82
C SER B 167 7.67 -25.35 11.55
N PHE B 168 7.16 -25.31 10.33
CA PHE B 168 6.03 -24.43 10.03
C PHE B 168 4.75 -24.91 10.72
N LEU B 169 4.59 -26.22 10.87
CA LEU B 169 3.40 -26.79 11.48
C LEU B 169 3.70 -28.10 12.21
#